data_7XXL
#
_entry.id   7XXL
#
_cell.length_a   1.00
_cell.length_b   1.00
_cell.length_c   1.00
_cell.angle_alpha   90.00
_cell.angle_beta   90.00
_cell.angle_gamma   90.00
#
_symmetry.space_group_name_H-M   'P 1'
#
loop_
_entity.id
_entity.type
_entity.pdbx_description
1 polymer 'Fab14 light chain'
2 polymer 'Fab14 heavy chain'
3 polymer 'Spike protein S1'
4 non-polymer 2-acetamido-2-deoxy-beta-D-glucopyranose
#
loop_
_entity_poly.entity_id
_entity_poly.type
_entity_poly.pdbx_seq_one_letter_code
_entity_poly.pdbx_strand_id
1 'polypeptide(L)'
;QAVVTQPASVSGSPGQSITISCTGTSSDIGAYNYISWYQQHPGKAPKLIIYEVSNRPSGISYRFSGSKSGNTASLTISGL
QAEDEANYYCSSYAGSISFGGGTKVTVLQPKANPTVTLFPPSSEELQANKATLVCLISDFYPGAVTVAWKADGSPVKAGV
ETTKPSKQSNNKYAASSYLSLTPEQWKSHRSYSCQVTHEGSTVEKTVAPTECS
;
C
2 'polypeptide(L)'
;EVQLQQSGPGLVKPSQTLSLTCAISGDSVSSNSAAWNWIRQSPSRGLEWLGRTYYRSKWYNDYAVSVKSRITINPDTSKN
QFSLQLNSVTPEDTAVYYCAREEQQLVHDYYYYGMDVWGQGTMVTVSSASTKGPSVFPLAPSSKSTSGGTAALGCLVKDY
FPEPVTVSWNSGALTSGVHTFPAVLQSSGLYSLSSVVTVPSSSLGTQTYICNVNHKPSNTKVDKRVEPKSCDKTH
;
A
3 'polypeptide(L)'
;SANITNLCPFGEVFNATRFASVYAWNRKRISNCVADYSVLYNSASFSTFKCYGVSPTKLNDLCFTNVYADSFVIRGDEVR
QIAPGQTGKIADYNYKLPDDFTGCVIAWNSNNLDSKVGGNYNYLYRLFRKSNLKPFERDISTEIYQAGSTPCNGVEGFNC
YFPLQSYGFQPTNGVGYQPYRVVVLSFELLHAPATVCGPKKSTN
;
B
#
# COMPACT_ATOMS: atom_id res chain seq x y z
N VAL A 3 -8.61 -0.50 17.97
CA VAL A 3 -9.92 0.08 17.63
C VAL A 3 -9.75 1.53 17.08
N VAL A 4 -10.21 1.78 15.86
CA VAL A 4 -10.00 3.07 15.19
C VAL A 4 -11.31 3.53 14.53
N THR A 5 -11.83 4.67 14.99
CA THR A 5 -13.13 5.18 14.57
C THR A 5 -13.06 5.89 13.22
N GLN A 6 -13.99 5.54 12.34
CA GLN A 6 -14.35 6.33 11.17
C GLN A 6 -15.85 6.55 11.16
N PRO A 7 -16.32 7.68 10.61
CA PRO A 7 -17.76 7.85 10.40
C PRO A 7 -18.26 6.82 9.41
N ALA A 8 -19.46 6.31 9.68
CA ALA A 8 -20.00 5.25 8.83
C ALA A 8 -20.22 5.76 7.40
N SER A 9 -20.80 6.94 7.25
CA SER A 9 -21.34 7.33 5.97
C SER A 9 -21.09 8.82 5.78
N VAL A 10 -20.58 9.19 4.60
CA VAL A 10 -20.42 10.57 4.20
C VAL A 10 -21.01 10.75 2.81
N SER A 11 -21.71 11.86 2.58
CA SER A 11 -22.26 12.13 1.26
C SER A 11 -21.81 13.51 0.79
N GLY A 12 -21.86 13.70 -0.52
CA GLY A 12 -21.45 14.96 -1.11
C GLY A 12 -21.94 15.10 -2.54
N SER A 13 -21.99 16.36 -3.02
CA SER A 13 -22.34 16.64 -4.41
C SER A 13 -21.10 16.75 -5.25
N PRO A 14 -21.22 16.56 -6.56
CA PRO A 14 -20.06 16.72 -7.44
C PRO A 14 -19.48 18.13 -7.32
N GLY A 15 -18.16 18.21 -7.31
CA GLY A 15 -17.47 19.47 -7.17
C GLY A 15 -17.10 19.83 -5.74
N GLN A 16 -17.91 19.43 -4.76
CA GLN A 16 -17.61 19.73 -3.37
C GLN A 16 -16.34 19.00 -2.91
N SER A 17 -15.99 19.23 -1.64
CA SER A 17 -14.83 18.66 -0.98
C SER A 17 -15.28 18.01 0.31
N ILE A 18 -14.62 16.89 0.65
CA ILE A 18 -15.04 15.99 1.71
C ILE A 18 -13.84 15.64 2.58
N THR A 19 -14.07 15.35 3.86
CA THR A 19 -12.97 14.97 4.74
C THR A 19 -13.39 13.89 5.73
N ILE A 20 -12.73 12.75 5.64
CA ILE A 20 -13.06 11.58 6.44
C ILE A 20 -12.15 11.57 7.67
N SER A 21 -12.75 11.61 8.85
CA SER A 21 -11.98 11.49 10.08
C SER A 21 -11.58 10.04 10.36
N CYS A 22 -10.37 9.86 10.88
CA CYS A 22 -9.92 8.55 11.36
C CYS A 22 -9.23 8.75 12.71
N THR A 23 -9.91 8.39 13.79
CA THR A 23 -9.39 8.69 15.15
C THR A 23 -9.14 7.42 15.95
N GLY A 24 -8.05 7.37 16.68
CA GLY A 24 -7.71 6.19 17.47
C GLY A 24 -7.02 6.55 18.76
N THR A 25 -6.00 5.78 19.14
CA THR A 25 -5.31 6.00 20.43
C THR A 25 -3.84 6.32 20.17
N SER A 26 -3.13 6.75 21.21
CA SER A 26 -1.68 7.04 21.12
C SER A 26 -0.92 5.76 20.81
N SER A 27 -1.61 4.64 20.87
CA SER A 27 -0.99 3.32 20.60
C SER A 27 -1.39 2.79 19.23
N ASP A 28 -1.99 3.63 18.39
CA ASP A 28 -2.52 3.14 17.08
C ASP A 28 -2.24 4.18 16.00
N ILE A 29 -2.84 5.35 16.11
CA ILE A 29 -2.70 6.37 15.05
C ILE A 29 -1.59 7.35 15.42
N GLY A 30 -1.57 7.83 16.66
CA GLY A 30 -0.58 8.85 17.05
C GLY A 30 0.77 8.25 17.37
N ALA A 31 0.86 6.92 17.35
CA ALA A 31 2.11 6.22 17.69
C ALA A 31 3.18 6.54 16.65
N TYR A 32 2.83 6.38 15.39
CA TYR A 32 3.79 6.71 14.32
C TYR A 32 3.06 7.43 13.20
N ASN A 33 3.77 7.70 12.11
CA ASN A 33 3.15 8.42 10.96
C ASN A 33 3.09 7.41 9.81
N TYR A 34 2.98 6.13 10.15
CA TYR A 34 2.82 5.09 9.12
C TYR A 34 1.32 4.86 8.90
N ILE A 35 0.62 5.89 8.45
CA ILE A 35 -0.84 5.81 8.20
C ILE A 35 -1.09 5.65 6.70
N SER A 36 -1.97 4.74 6.34
CA SER A 36 -2.28 4.51 4.91
C SER A 36 -3.80 4.54 4.69
N TRP A 37 -4.25 5.05 3.55
CA TRP A 37 -5.67 5.08 3.22
C TRP A 37 -5.92 4.21 1.99
N TYR A 38 -7.10 3.59 1.95
CA TYR A 38 -7.46 2.65 0.91
C TYR A 38 -8.84 2.99 0.36
N GLN A 39 -9.03 2.69 -0.91
CA GLN A 39 -10.27 2.92 -1.61
C GLN A 39 -10.77 1.58 -2.09
N GLN A 40 -12.06 1.32 -1.92
CA GLN A 40 -12.61 0.03 -2.32
C GLN A 40 -13.95 0.23 -3.00
N HIS A 41 -14.02 -0.15 -4.25
CA HIS A 41 -15.29 -0.26 -4.95
C HIS A 41 -15.89 -1.64 -4.72
N PRO A 42 -17.21 -1.79 -4.84
CA PRO A 42 -17.84 -3.04 -4.39
C PRO A 42 -17.38 -4.23 -5.23
N GLY A 43 -17.14 -5.35 -4.55
CA GLY A 43 -16.67 -6.53 -5.25
C GLY A 43 -15.30 -6.40 -5.87
N LYS A 44 -14.51 -5.42 -5.47
CA LYS A 44 -13.13 -5.30 -5.92
C LYS A 44 -12.23 -5.16 -4.70
N ALA A 45 -10.94 -5.36 -4.92
CA ALA A 45 -9.98 -5.29 -3.83
C ALA A 45 -9.68 -3.84 -3.49
N PRO A 46 -9.25 -3.59 -2.24
CA PRO A 46 -8.86 -2.25 -1.87
C PRO A 46 -7.63 -1.78 -2.66
N LYS A 47 -7.42 -0.47 -2.75
CA LYS A 47 -6.23 0.09 -3.45
C LYS A 47 -5.61 1.18 -2.58
N LEU A 48 -4.28 1.18 -2.50
CA LEU A 48 -3.56 2.23 -1.73
C LEU A 48 -3.71 3.54 -2.49
N ILE A 49 -4.14 4.56 -1.78
CA ILE A 49 -4.36 5.87 -2.42
C ILE A 49 -3.55 6.89 -1.63
N ILE A 50 -3.24 6.56 -0.37
CA ILE A 50 -2.41 7.46 0.48
C ILE A 50 -1.51 6.60 1.38
N TYR A 51 -0.23 6.94 1.44
CA TYR A 51 0.71 6.25 2.37
C TYR A 51 1.44 7.31 3.18
N GLU A 52 1.85 6.96 4.39
CA GLU A 52 2.60 7.90 5.25
C GLU A 52 1.84 9.23 5.39
N VAL A 53 0.56 9.18 5.76
CA VAL A 53 -0.27 10.39 6.04
C VAL A 53 -0.58 11.23 4.82
N SER A 54 0.43 11.60 4.04
CA SER A 54 0.18 12.56 2.95
C SER A 54 0.73 12.12 1.60
N ASN A 55 1.30 10.94 1.50
CA ASN A 55 1.98 10.57 0.23
C ASN A 55 1.00 9.94 -0.75
N ARG A 56 1.01 10.43 -1.98
CA ARG A 56 0.13 9.88 -3.02
C ARG A 56 0.93 8.89 -3.84
N PRO A 57 0.55 7.61 -3.88
CA PRO A 57 1.22 6.67 -4.73
C PRO A 57 1.09 7.16 -6.17
N SER A 58 1.98 6.69 -7.05
CA SER A 58 1.95 7.15 -8.46
C SER A 58 0.68 6.65 -9.13
N GLY A 59 -0.10 7.56 -9.70
CA GLY A 59 -1.36 7.19 -10.35
C GLY A 59 -2.56 7.83 -9.70
N ILE A 60 -2.43 8.22 -8.44
CA ILE A 60 -3.60 8.78 -7.70
C ILE A 60 -3.71 10.28 -7.95
N SER A 61 -4.90 10.77 -8.19
CA SER A 61 -5.12 12.20 -8.50
C SER A 61 -4.76 13.05 -7.30
N TYR A 62 -4.61 14.35 -7.52
CA TYR A 62 -4.22 15.29 -6.45
C TYR A 62 -5.48 15.65 -5.69
N ARG A 63 -6.59 15.16 -6.21
CA ARG A 63 -7.88 15.45 -5.55
C ARG A 63 -7.84 14.72 -4.22
N PHE A 64 -6.85 13.84 -4.06
CA PHE A 64 -6.76 13.04 -2.82
C PHE A 64 -5.67 13.62 -1.93
N SER A 65 -6.08 14.10 -0.77
CA SER A 65 -5.13 14.72 0.17
C SER A 65 -5.22 14.01 1.51
N GLY A 66 -4.13 14.02 2.25
CA GLY A 66 -4.06 13.37 3.54
C GLY A 66 -3.28 14.21 4.52
N SER A 67 -3.70 14.16 5.78
CA SER A 67 -3.08 14.93 6.85
C SER A 67 -3.21 14.19 8.17
N LYS A 68 -2.55 14.72 9.20
CA LYS A 68 -2.69 14.18 10.53
C LYS A 68 -2.54 15.31 11.55
N SER A 69 -3.33 15.23 12.63
CA SER A 69 -3.19 16.12 13.76
C SER A 69 -3.53 15.33 15.01
N GLY A 70 -2.57 15.24 15.92
CA GLY A 70 -2.84 14.57 17.19
C GLY A 70 -3.12 13.10 16.97
N ASN A 71 -4.25 12.65 17.48
CA ASN A 71 -4.67 11.26 17.33
C ASN A 71 -5.76 11.10 16.29
N THR A 72 -5.74 11.98 15.29
CA THR A 72 -6.71 11.94 14.19
C THR A 72 -5.97 12.19 12.88
N ALA A 73 -5.81 11.13 12.11
CA ALA A 73 -5.48 11.22 10.71
C ALA A 73 -6.73 11.53 9.91
N SER A 74 -6.53 12.03 8.70
CA SER A 74 -7.70 12.46 7.97
C SER A 74 -7.39 12.51 6.48
N LEU A 75 -8.41 12.20 5.68
CA LEU A 75 -8.33 12.16 4.23
C LEU A 75 -9.25 13.21 3.64
N THR A 76 -8.87 13.77 2.50
CA THR A 76 -9.73 14.78 1.89
C THR A 76 -9.79 14.56 0.38
N ILE A 77 -11.01 14.61 -0.16
CA ILE A 77 -11.27 14.47 -1.59
C ILE A 77 -11.83 15.81 -2.08
N SER A 78 -11.10 16.48 -2.96
CA SER A 78 -11.60 17.69 -3.58
C SER A 78 -12.18 17.37 -4.96
N GLY A 79 -13.12 18.21 -5.41
CA GLY A 79 -13.68 18.05 -6.73
C GLY A 79 -14.36 16.70 -6.90
N LEU A 80 -15.19 16.37 -5.92
CA LEU A 80 -15.84 15.07 -5.80
C LEU A 80 -16.45 14.60 -7.11
N GLN A 81 -15.88 13.56 -7.71
CA GLN A 81 -16.43 12.99 -8.92
C GLN A 81 -17.21 11.72 -8.61
N ALA A 82 -18.03 11.29 -9.58
CA ALA A 82 -18.91 10.15 -9.34
C ALA A 82 -18.10 8.88 -9.09
N GLU A 83 -16.92 8.77 -9.68
CA GLU A 83 -16.04 7.63 -9.46
C GLU A 83 -15.47 7.56 -8.06
N ASP A 84 -15.64 8.62 -7.26
CA ASP A 84 -15.17 8.62 -5.88
C ASP A 84 -16.11 7.88 -4.94
N GLU A 85 -17.31 7.51 -5.38
CA GLU A 85 -18.18 6.68 -4.55
C GLU A 85 -17.56 5.32 -4.31
N ALA A 86 -17.28 5.01 -3.04
CA ALA A 86 -16.57 3.80 -2.63
C ALA A 86 -16.44 3.79 -1.12
N ASN A 87 -15.92 2.67 -0.59
CA ASN A 87 -15.49 2.61 0.81
C ASN A 87 -14.08 3.13 0.96
N TYR A 88 -13.81 3.69 2.12
CA TYR A 88 -12.47 4.18 2.38
C TYR A 88 -12.06 3.76 3.78
N TYR A 89 -10.81 3.31 3.91
CA TYR A 89 -10.29 2.86 5.20
C TYR A 89 -8.91 3.46 5.43
N CYS A 90 -8.69 3.93 6.66
CA CYS A 90 -7.35 4.20 7.14
C CYS A 90 -6.76 2.95 7.77
N SER A 91 -5.43 2.83 7.74
CA SER A 91 -4.76 1.79 8.47
C SER A 91 -3.47 2.33 9.06
N SER A 92 -3.05 1.72 10.17
CA SER A 92 -1.87 2.18 10.90
C SER A 92 -0.98 1.00 11.27
N TYR A 93 0.33 1.18 11.04
CA TYR A 93 1.36 0.23 11.42
C TYR A 93 1.85 0.54 12.84
N ALA A 94 1.88 -0.49 13.67
CA ALA A 94 2.57 -0.47 14.96
C ALA A 94 2.93 -1.91 15.30
N GLY A 95 3.84 -2.49 14.51
CA GLY A 95 4.00 -3.93 14.53
C GLY A 95 2.77 -4.59 13.91
N SER A 96 1.69 -4.66 14.68
CA SER A 96 0.39 -5.09 14.18
C SER A 96 -0.25 -3.98 13.36
N ILE A 97 -1.29 -4.33 12.60
CA ILE A 97 -1.93 -3.43 11.65
C ILE A 97 -3.39 -3.24 12.03
N SER A 98 -3.79 -1.99 12.20
CA SER A 98 -5.15 -1.66 12.61
C SER A 98 -5.84 -0.91 11.48
N PHE A 99 -7.02 -1.40 11.10
CA PHE A 99 -7.87 -0.71 10.14
C PHE A 99 -8.97 0.04 10.86
N GLY A 100 -9.37 1.16 10.28
CA GLY A 100 -10.58 1.82 10.74
C GLY A 100 -11.81 1.10 10.22
N GLY A 101 -12.93 1.37 10.87
CA GLY A 101 -14.16 0.66 10.57
C GLY A 101 -14.75 0.93 9.20
N GLY A 102 -14.28 1.97 8.50
CA GLY A 102 -14.73 2.21 7.14
C GLY A 102 -15.70 3.38 7.02
N THR A 103 -15.72 4.00 5.85
CA THR A 103 -16.61 5.11 5.56
C THR A 103 -17.11 4.96 4.13
N LYS A 104 -18.39 4.73 3.97
CA LYS A 104 -18.99 4.71 2.64
C LYS A 104 -19.25 6.15 2.21
N VAL A 105 -18.69 6.52 1.06
CA VAL A 105 -18.75 7.86 0.51
C VAL A 105 -19.72 7.85 -0.66
N THR A 106 -20.80 8.64 -0.56
CA THR A 106 -21.82 8.76 -1.60
C THR A 106 -21.60 10.03 -2.40
N VAL A 107 -21.73 9.93 -3.72
CA VAL A 107 -21.68 11.16 -4.55
C VAL A 107 -23.11 11.44 -4.98
N LEU A 108 -23.70 12.52 -4.48
CA LEU A 108 -25.13 12.82 -4.73
C LEU A 108 -25.44 12.93 -6.22
N GLN A 109 -26.63 12.50 -6.62
CA GLN A 109 -27.02 12.45 -8.03
C GLN A 109 -28.49 12.82 -8.10
N PRO A 110 -29.00 13.26 -9.25
CA PRO A 110 -30.40 13.53 -9.41
C PRO A 110 -31.24 12.25 -9.36
N LYS A 111 -32.51 12.40 -9.00
CA LYS A 111 -33.41 11.23 -8.91
C LYS A 111 -33.60 10.55 -10.28
N ALA A 112 -33.85 9.24 -10.25
CA ALA A 112 -34.05 8.47 -11.47
C ALA A 112 -35.10 7.39 -11.23
N ASN A 113 -35.95 7.18 -12.18
CA ASN A 113 -36.99 6.21 -11.95
C ASN A 113 -36.59 4.86 -12.51
N PRO A 114 -37.09 3.76 -11.98
CA PRO A 114 -36.53 2.45 -12.32
C PRO A 114 -36.99 1.90 -13.65
N THR A 115 -36.10 1.20 -14.32
CA THR A 115 -36.50 0.31 -15.38
C THR A 115 -36.93 -1.02 -14.76
N VAL A 116 -38.05 -1.58 -15.24
CA VAL A 116 -38.66 -2.78 -14.68
C VAL A 116 -38.87 -3.80 -15.80
N THR A 117 -38.40 -5.03 -15.57
CA THR A 117 -38.58 -6.11 -16.55
C THR A 117 -39.07 -7.36 -15.85
N LEU A 118 -40.11 -7.98 -16.40
CA LEU A 118 -40.78 -9.12 -15.80
C LEU A 118 -40.66 -10.32 -16.70
N PHE A 119 -40.12 -11.41 -16.16
CA PHE A 119 -40.04 -12.62 -16.95
C PHE A 119 -41.00 -13.68 -16.41
N PRO A 120 -41.77 -14.31 -17.28
CA PRO A 120 -42.61 -15.41 -16.83
C PRO A 120 -41.76 -16.64 -16.55
N PRO A 121 -42.34 -17.71 -16.03
CA PRO A 121 -41.55 -18.92 -15.85
C PRO A 121 -41.19 -19.54 -17.20
N SER A 122 -39.95 -20.00 -17.30
CA SER A 122 -39.53 -20.75 -18.47
C SER A 122 -40.22 -22.10 -18.51
N SER A 123 -40.53 -22.55 -19.73
CA SER A 123 -41.09 -23.88 -19.93
C SER A 123 -40.17 -24.99 -19.42
N GLU A 124 -38.87 -24.73 -19.40
CA GLU A 124 -37.94 -25.66 -18.80
C GLU A 124 -38.19 -25.79 -17.30
N GLU A 125 -38.35 -24.70 -16.57
CA GLU A 125 -38.50 -24.82 -15.10
C GLU A 125 -39.85 -25.50 -14.78
N LEU A 126 -40.84 -25.27 -15.61
CA LEU A 126 -42.19 -25.80 -15.36
C LEU A 126 -42.15 -27.32 -15.47
N GLN A 127 -41.33 -27.86 -16.37
CA GLN A 127 -41.25 -29.32 -16.57
C GLN A 127 -40.53 -29.92 -15.36
N ALA A 128 -39.79 -29.10 -14.61
CA ALA A 128 -39.14 -29.57 -13.37
C ALA A 128 -40.04 -29.28 -12.17
N ASN A 129 -41.34 -29.14 -12.40
CA ASN A 129 -42.33 -28.90 -11.33
C ASN A 129 -41.97 -27.66 -10.49
N LYS A 130 -41.63 -26.57 -11.16
CA LYS A 130 -41.29 -25.31 -10.45
C LYS A 130 -41.70 -24.10 -11.31
N ALA A 131 -42.07 -23.00 -10.67
CA ALA A 131 -42.53 -21.79 -11.37
C ALA A 131 -41.97 -20.57 -10.66
N THR A 132 -41.07 -19.83 -11.31
CA THR A 132 -40.51 -18.63 -10.71
C THR A 132 -40.74 -17.45 -11.63
N LEU A 133 -41.41 -16.42 -11.12
CA LEU A 133 -41.53 -15.13 -11.81
C LEU A 133 -40.43 -14.19 -11.36
N VAL A 134 -39.73 -13.58 -12.32
CA VAL A 134 -38.54 -12.78 -12.05
C VAL A 134 -38.79 -11.34 -12.46
N CYS A 135 -38.69 -10.42 -11.50
CA CYS A 135 -38.94 -9.00 -11.70
C CYS A 135 -37.66 -8.22 -11.44
N LEU A 136 -37.12 -7.61 -12.48
CA LEU A 136 -35.80 -6.99 -12.43
C LEU A 136 -35.94 -5.48 -12.46
N ILE A 137 -35.38 -4.83 -11.44
CA ILE A 137 -35.51 -3.40 -11.21
C ILE A 137 -34.12 -2.81 -11.23
N SER A 138 -33.88 -1.86 -12.11
CA SER A 138 -32.55 -1.29 -12.27
C SER A 138 -32.63 0.20 -12.56
N ASP A 139 -31.50 0.88 -12.36
CA ASP A 139 -31.34 2.27 -12.78
C ASP A 139 -32.27 3.23 -12.02
N PHE A 140 -32.36 3.08 -10.71
CA PHE A 140 -33.14 4.01 -9.91
C PHE A 140 -32.24 4.70 -8.89
N TYR A 141 -32.70 5.84 -8.41
CA TYR A 141 -31.95 6.65 -7.47
C TYR A 141 -32.92 7.57 -6.72
N PRO A 142 -32.84 7.66 -5.38
CA PRO A 142 -31.96 6.95 -4.44
C PRO A 142 -32.33 5.47 -4.27
N GLY A 143 -31.58 4.76 -3.43
CA GLY A 143 -31.67 3.31 -3.35
C GLY A 143 -32.77 2.79 -2.44
N ALA A 144 -34.01 2.99 -2.84
CA ALA A 144 -35.17 2.58 -2.04
C ALA A 144 -36.34 2.39 -2.98
N VAL A 145 -36.92 1.19 -3.01
CA VAL A 145 -38.09 0.88 -3.83
C VAL A 145 -39.06 0.08 -2.99
N THR A 146 -40.27 -0.06 -3.52
CA THR A 146 -41.34 -0.84 -2.93
C THR A 146 -41.85 -1.73 -4.03
N VAL A 147 -41.80 -3.04 -3.82
CA VAL A 147 -42.24 -3.98 -4.82
C VAL A 147 -43.46 -4.70 -4.26
N ALA A 148 -44.57 -4.67 -5.00
CA ALA A 148 -45.74 -5.46 -4.68
C ALA A 148 -46.04 -6.38 -5.87
N TRP A 149 -46.69 -7.50 -5.57
CA TRP A 149 -47.06 -8.46 -6.62
C TRP A 149 -48.57 -8.67 -6.55
N LYS A 150 -49.18 -8.93 -7.69
CA LYS A 150 -50.64 -9.13 -7.77
C LYS A 150 -50.93 -10.31 -8.68
N ALA A 151 -52.02 -11.00 -8.40
CA ALA A 151 -52.45 -12.10 -9.27
C ALA A 151 -53.90 -11.84 -9.62
N ASP A 152 -54.20 -11.88 -10.90
CA ASP A 152 -55.58 -11.60 -11.37
C ASP A 152 -56.04 -10.33 -10.65
N GLY A 153 -55.14 -9.39 -10.43
CA GLY A 153 -55.50 -8.10 -9.81
C GLY A 153 -55.40 -8.08 -8.30
N SER A 154 -55.31 -9.22 -7.64
CA SER A 154 -55.35 -9.23 -6.16
C SER A 154 -53.94 -9.21 -5.59
N PRO A 155 -53.70 -8.39 -4.56
CA PRO A 155 -52.39 -8.33 -3.94
C PRO A 155 -51.93 -9.72 -3.46
N VAL A 156 -50.65 -10.01 -3.60
CA VAL A 156 -50.08 -11.34 -3.19
C VAL A 156 -48.87 -11.13 -2.29
N LYS A 157 -48.79 -11.86 -1.18
CA LYS A 157 -47.69 -11.83 -0.24
C LYS A 157 -46.96 -13.16 -0.11
N ALA A 158 -47.67 -14.27 -0.27
CA ALA A 158 -47.06 -15.59 -0.17
C ALA A 158 -46.09 -15.86 -1.32
N GLY A 159 -44.85 -16.20 -0.99
CA GLY A 159 -43.89 -16.64 -1.97
C GLY A 159 -43.04 -15.57 -2.59
N VAL A 160 -42.97 -14.37 -2.00
CA VAL A 160 -42.23 -13.26 -2.58
C VAL A 160 -40.89 -13.13 -1.86
N GLU A 161 -39.83 -12.94 -2.61
CA GLU A 161 -38.52 -12.67 -2.07
C GLU A 161 -37.90 -11.55 -2.90
N THR A 162 -37.52 -10.45 -2.24
CA THR A 162 -37.04 -9.23 -2.85
C THR A 162 -35.69 -8.84 -2.25
N THR A 163 -34.75 -8.45 -3.09
CA THR A 163 -33.41 -8.10 -2.60
C THR A 163 -33.37 -6.65 -2.17
N LYS A 164 -32.54 -6.38 -1.18
CA LYS A 164 -32.03 -5.04 -0.93
C LYS A 164 -31.51 -4.42 -2.23
N PRO A 165 -31.64 -3.11 -2.36
CA PRO A 165 -31.00 -2.43 -3.49
C PRO A 165 -29.49 -2.58 -3.39
N SER A 166 -28.84 -2.57 -4.54
CA SER A 166 -27.40 -2.68 -4.56
C SER A 166 -26.85 -1.68 -5.58
N LYS A 167 -25.68 -1.15 -5.27
CA LYS A 167 -25.02 -0.14 -6.09
C LYS A 167 -24.55 -0.74 -7.41
N GLN A 168 -25.03 -0.16 -8.53
CA GLN A 168 -24.49 -0.40 -9.87
C GLN A 168 -23.20 0.39 -10.07
N SER A 169 -22.61 0.26 -11.25
CA SER A 169 -21.36 0.96 -11.51
C SER A 169 -21.59 2.41 -11.93
N ASN A 170 -22.85 2.81 -12.17
CA ASN A 170 -23.19 4.20 -12.40
C ASN A 170 -23.80 4.84 -11.15
N ASN A 171 -23.55 4.26 -9.97
CA ASN A 171 -24.00 4.78 -8.68
C ASN A 171 -25.52 4.79 -8.56
N LYS A 172 -26.21 4.30 -9.58
CA LYS A 172 -27.64 4.03 -9.43
C LYS A 172 -27.81 2.69 -8.73
N TYR A 173 -29.05 2.24 -8.56
CA TYR A 173 -29.30 1.06 -7.74
C TYR A 173 -30.14 0.06 -8.53
N ALA A 174 -29.88 -1.22 -8.26
CA ALA A 174 -30.60 -2.33 -8.85
C ALA A 174 -31.25 -3.14 -7.74
N ALA A 175 -32.33 -3.83 -8.08
CA ALA A 175 -32.95 -4.76 -7.15
C ALA A 175 -33.61 -5.86 -7.98
N SER A 176 -33.98 -6.95 -7.31
CA SER A 176 -34.66 -8.03 -8.00
C SER A 176 -35.66 -8.65 -7.03
N SER A 177 -36.74 -9.18 -7.57
CA SER A 177 -37.82 -9.72 -6.76
C SER A 177 -38.38 -10.95 -7.45
N TYR A 178 -38.61 -12.00 -6.69
CA TYR A 178 -39.02 -13.29 -7.21
C TYR A 178 -40.30 -13.73 -6.53
N LEU A 179 -41.22 -14.27 -7.33
CA LEU A 179 -42.46 -14.83 -6.82
C LEU A 179 -42.48 -16.30 -7.19
N SER A 180 -42.40 -17.15 -6.16
CA SER A 180 -42.39 -18.59 -6.31
C SER A 180 -43.81 -19.16 -6.22
N LEU A 181 -44.15 -20.01 -7.19
CA LEU A 181 -45.40 -20.74 -7.22
C LEU A 181 -45.14 -22.17 -7.65
N THR A 182 -46.18 -22.99 -7.53
CA THR A 182 -46.22 -24.26 -8.22
C THR A 182 -46.69 -24.02 -9.65
N PRO A 183 -46.43 -24.95 -10.56
CA PRO A 183 -46.95 -24.76 -11.94
C PRO A 183 -48.47 -24.66 -12.01
N GLU A 184 -49.18 -25.21 -11.02
CA GLU A 184 -50.64 -25.21 -11.03
C GLU A 184 -51.19 -23.82 -10.73
N GLN A 185 -50.71 -23.20 -9.65
CA GLN A 185 -51.06 -21.81 -9.37
C GLN A 185 -50.68 -20.88 -10.52
N TRP A 186 -49.52 -21.13 -11.16
CA TRP A 186 -49.19 -20.34 -12.35
C TRP A 186 -50.25 -20.50 -13.44
N LYS A 187 -50.92 -21.65 -13.48
CA LYS A 187 -51.95 -21.89 -14.48
C LYS A 187 -53.36 -21.49 -14.00
N SER A 188 -53.59 -21.45 -12.69
CA SER A 188 -54.90 -21.12 -12.11
C SER A 188 -55.25 -19.64 -12.20
N HIS A 189 -54.34 -18.80 -12.67
CA HIS A 189 -54.62 -17.39 -12.85
C HIS A 189 -54.31 -17.03 -14.29
N ARG A 190 -54.96 -16.00 -14.77
CA ARG A 190 -54.69 -15.48 -16.11
C ARG A 190 -53.88 -14.21 -16.12
N SER A 191 -53.35 -13.78 -14.98
CA SER A 191 -52.58 -12.55 -14.91
C SER A 191 -51.69 -12.59 -13.69
N TYR A 192 -50.46 -12.12 -13.84
CA TYR A 192 -49.57 -11.86 -12.72
C TYR A 192 -48.88 -10.54 -12.96
N SER A 193 -48.63 -9.78 -11.88
CA SER A 193 -48.01 -8.48 -12.04
C SER A 193 -46.96 -8.20 -10.98
N CYS A 194 -45.96 -7.44 -11.40
CA CYS A 194 -44.93 -6.86 -10.55
C CYS A 194 -45.10 -5.34 -10.55
N GLN A 195 -45.21 -4.75 -9.36
CA GLN A 195 -45.46 -3.32 -9.21
C GLN A 195 -44.33 -2.69 -8.43
N VAL A 196 -43.73 -1.64 -8.99
CA VAL A 196 -42.53 -1.06 -8.42
C VAL A 196 -42.82 0.41 -8.17
N THR A 197 -42.76 0.82 -6.91
CA THR A 197 -43.00 2.19 -6.53
C THR A 197 -41.69 2.85 -6.11
N HIS A 198 -41.53 4.10 -6.48
CA HIS A 198 -40.28 4.80 -6.22
C HIS A 198 -40.59 6.29 -6.24
N GLU A 199 -40.35 6.97 -5.11
CA GLU A 199 -40.80 8.33 -4.91
C GLU A 199 -42.30 8.41 -5.20
N GLY A 200 -42.67 9.18 -6.22
CA GLY A 200 -44.05 9.19 -6.65
C GLY A 200 -44.39 8.00 -7.53
N SER A 201 -43.70 7.91 -8.67
CA SER A 201 -43.93 6.91 -9.71
C SER A 201 -44.22 5.51 -9.15
N THR A 202 -45.17 4.83 -9.78
CA THR A 202 -45.29 3.39 -9.75
C THR A 202 -45.24 2.89 -11.19
N VAL A 203 -44.56 1.76 -11.41
CA VAL A 203 -44.47 1.14 -12.72
C VAL A 203 -44.89 -0.33 -12.57
N GLU A 204 -45.80 -0.77 -13.42
CA GLU A 204 -46.39 -2.08 -13.27
C GLU A 204 -46.25 -2.83 -14.59
N LYS A 205 -45.88 -4.11 -14.49
CA LYS A 205 -45.73 -4.96 -15.65
C LYS A 205 -46.55 -6.21 -15.44
N THR A 206 -47.11 -6.77 -16.51
CA THR A 206 -47.97 -7.94 -16.38
C THR A 206 -47.57 -9.02 -17.37
N VAL A 207 -47.69 -10.27 -16.93
CA VAL A 207 -47.49 -11.44 -17.79
C VAL A 207 -48.72 -12.31 -17.65
N ALA A 208 -48.94 -13.15 -18.66
CA ALA A 208 -50.08 -14.06 -18.65
C ALA A 208 -49.60 -15.40 -19.19
N PRO A 209 -50.12 -16.51 -18.65
CA PRO A 209 -49.57 -17.83 -19.01
C PRO A 209 -49.81 -18.26 -20.45
N THR A 210 -50.50 -17.49 -21.27
CA THR A 210 -50.70 -17.88 -22.68
C THR A 210 -49.38 -17.73 -23.42
N GLU A 211 -48.69 -18.86 -23.59
CA GLU A 211 -47.34 -18.85 -24.14
C GLU A 211 -47.14 -20.00 -25.14
N GLU B 1 4.61 -5.72 -13.68
CA GLU B 1 3.37 -5.90 -12.92
C GLU B 1 3.43 -7.07 -11.93
N VAL B 2 3.36 -6.75 -10.64
CA VAL B 2 3.25 -7.76 -9.59
C VAL B 2 1.79 -8.17 -9.44
N GLN B 3 1.52 -9.46 -9.47
CA GLN B 3 0.15 -9.96 -9.39
C GLN B 3 0.08 -11.07 -8.37
N LEU B 4 -1.06 -11.17 -7.70
CA LEU B 4 -1.27 -12.18 -6.67
C LEU B 4 -2.49 -13.02 -7.08
N GLN B 5 -2.25 -14.28 -7.42
CA GLN B 5 -3.32 -15.19 -7.83
C GLN B 5 -3.72 -16.04 -6.65
N GLN B 6 -5.00 -15.96 -6.26
CA GLN B 6 -5.50 -16.58 -5.04
C GLN B 6 -6.23 -17.88 -5.36
N SER B 7 -6.69 -18.52 -4.30
CA SER B 7 -6.91 -19.96 -4.18
C SER B 7 -8.36 -20.43 -4.39
N GLY B 8 -9.21 -19.63 -5.03
CA GLY B 8 -10.51 -20.12 -5.47
C GLY B 8 -11.53 -20.35 -4.35
N PRO B 9 -12.77 -19.87 -4.54
CA PRO B 9 -13.73 -19.82 -3.42
C PRO B 9 -14.33 -21.17 -3.11
N GLY B 10 -14.73 -21.33 -1.85
CA GLY B 10 -15.44 -22.54 -1.49
C GLY B 10 -15.96 -22.52 -0.08
N LEU B 11 -16.43 -23.69 0.35
CA LEU B 11 -17.04 -23.86 1.68
C LEU B 11 -16.14 -24.65 2.61
N VAL B 12 -15.98 -24.16 3.83
CA VAL B 12 -15.26 -24.94 4.85
C VAL B 12 -16.33 -25.35 5.85
N LYS B 13 -16.44 -26.65 6.09
CA LYS B 13 -17.43 -27.16 7.07
C LYS B 13 -16.91 -26.81 8.46
N PRO B 14 -17.79 -26.71 9.47
CA PRO B 14 -17.36 -26.29 10.81
C PRO B 14 -16.37 -27.19 11.57
N SER B 15 -15.42 -26.59 12.29
CA SER B 15 -14.41 -27.31 13.12
C SER B 15 -13.25 -27.78 12.25
N GLN B 16 -13.40 -27.66 10.94
CA GLN B 16 -12.33 -28.04 10.00
C GLN B 16 -11.32 -26.90 9.87
N THR B 17 -10.27 -27.11 9.09
CA THR B 17 -9.21 -26.09 8.93
C THR B 17 -9.36 -25.36 7.59
N LEU B 18 -9.29 -24.03 7.62
CA LEU B 18 -9.32 -23.22 6.38
C LEU B 18 -7.90 -23.19 5.83
N SER B 19 -7.80 -23.26 4.52
CA SER B 19 -6.50 -23.34 3.87
C SER B 19 -6.59 -22.58 2.55
N LEU B 20 -5.76 -21.56 2.39
CA LEU B 20 -5.74 -20.74 1.18
C LEU B 20 -4.31 -20.52 0.71
N THR B 21 -4.15 -20.35 -0.59
CA THR B 21 -2.82 -20.14 -1.16
C THR B 21 -2.79 -18.88 -2.00
N CYS B 22 -1.74 -18.08 -1.81
CA CYS B 22 -1.47 -16.91 -2.61
C CYS B 22 -0.18 -17.13 -3.39
N ALA B 23 -0.28 -17.11 -4.72
CA ALA B 23 0.86 -17.34 -5.60
C ALA B 23 1.33 -16.01 -6.21
N ILE B 24 2.58 -15.64 -5.93
CA ILE B 24 3.16 -14.37 -6.36
C ILE B 24 3.76 -14.55 -7.74
N SER B 25 3.68 -13.53 -8.57
CA SER B 25 4.39 -13.58 -9.84
C SER B 25 4.79 -12.15 -10.21
N GLY B 26 6.09 -11.95 -10.45
CA GLY B 26 6.66 -10.64 -10.61
C GLY B 26 7.35 -10.11 -9.38
N ASP B 27 7.43 -10.91 -8.32
CA ASP B 27 8.16 -10.56 -7.11
C ASP B 27 8.57 -11.87 -6.45
N SER B 28 9.48 -11.77 -5.50
CA SER B 28 10.01 -12.93 -4.79
C SER B 28 9.41 -12.99 -3.39
N VAL B 29 8.95 -14.17 -2.99
CA VAL B 29 8.34 -14.33 -1.67
C VAL B 29 9.35 -14.05 -0.57
N SER B 30 10.65 -14.15 -0.87
CA SER B 30 11.70 -13.88 0.11
C SER B 30 12.32 -12.50 -0.07
N SER B 31 11.58 -11.57 -0.66
CA SER B 31 12.07 -10.21 -0.93
C SER B 31 12.61 -9.56 0.34
N ASN B 32 13.77 -8.93 0.20
CA ASN B 32 14.33 -8.02 1.19
C ASN B 32 13.29 -7.00 1.66
N SER B 33 12.53 -6.45 0.73
CA SER B 33 11.76 -5.23 0.95
C SER B 33 10.26 -5.47 1.12
N ALA B 34 9.86 -6.72 1.38
CA ALA B 34 8.46 -7.07 1.37
C ALA B 34 8.07 -7.81 2.64
N ALA B 35 6.77 -7.96 2.80
CA ALA B 35 6.12 -8.81 3.79
C ALA B 35 4.85 -9.33 3.14
N TRP B 36 4.45 -10.55 3.48
CA TRP B 36 3.30 -11.19 2.82
C TRP B 36 2.20 -11.40 3.83
N ASN B 37 1.12 -10.66 3.68
CA ASN B 37 0.06 -10.61 4.67
C ASN B 37 -1.19 -11.34 4.22
N TRP B 38 -2.00 -11.66 5.22
CA TRP B 38 -3.37 -12.11 5.01
C TRP B 38 -4.29 -11.14 5.75
N ILE B 39 -5.33 -10.72 5.07
CA ILE B 39 -6.34 -9.80 5.58
C ILE B 39 -7.70 -10.36 5.19
N ARG B 40 -8.66 -10.31 6.11
CA ARG B 40 -10.02 -10.72 5.77
C ARG B 40 -10.97 -9.55 5.92
N GLN B 41 -12.13 -9.67 5.26
CA GLN B 41 -13.14 -8.60 5.30
C GLN B 41 -14.54 -9.20 5.36
N SER B 42 -15.34 -8.73 6.31
CA SER B 42 -16.75 -9.16 6.44
C SER B 42 -17.62 -7.91 6.54
N PRO B 43 -18.87 -7.94 6.06
CA PRO B 43 -19.71 -6.75 6.08
C PRO B 43 -19.89 -6.16 7.48
N SER B 44 -19.80 -6.99 8.51
CA SER B 44 -20.06 -6.51 9.87
C SER B 44 -18.76 -6.32 10.64
N ARG B 45 -17.67 -6.87 10.15
CA ARG B 45 -16.42 -6.83 10.96
C ARG B 45 -15.44 -5.84 10.35
N GLY B 46 -15.60 -5.58 9.07
CA GLY B 46 -14.64 -4.70 8.40
C GLY B 46 -13.36 -5.41 8.01
N LEU B 47 -12.32 -4.63 7.73
CA LEU B 47 -11.01 -5.19 7.33
C LEU B 47 -10.31 -5.65 8.60
N GLU B 48 -9.88 -6.89 8.60
CA GLU B 48 -9.23 -7.51 9.76
C GLU B 48 -7.87 -8.07 9.34
N TRP B 49 -6.80 -7.49 9.85
CA TRP B 49 -5.47 -8.02 9.60
C TRP B 49 -5.30 -9.37 10.31
N LEU B 50 -4.67 -10.32 9.62
CA LEU B 50 -4.48 -11.65 10.22
C LEU B 50 -3.04 -11.95 10.59
N GLY B 51 -2.08 -11.57 9.76
CA GLY B 51 -0.68 -11.74 10.07
C GLY B 51 0.18 -11.65 8.83
N ARG B 52 1.49 -11.69 9.06
CA ARG B 52 2.46 -11.56 7.98
C ARG B 52 3.56 -12.62 8.13
N THR B 53 4.23 -12.86 7.01
CA THR B 53 5.42 -13.74 6.95
C THR B 53 6.47 -12.99 6.13
N TYR B 54 7.67 -12.78 6.67
CA TYR B 54 8.71 -12.02 5.94
C TYR B 54 10.09 -12.66 6.11
N TYR B 55 10.96 -12.48 5.11
CA TYR B 55 12.31 -13.07 5.16
C TYR B 55 13.41 -12.01 5.19
N ARG B 56 14.06 -11.85 6.33
CA ARG B 56 15.23 -10.94 6.42
C ARG B 56 16.38 -11.80 6.94
N SER B 57 17.03 -12.54 6.05
CA SER B 57 18.08 -13.51 6.47
C SER B 57 17.38 -14.75 7.04
N LYS B 58 16.49 -14.54 7.99
CA LYS B 58 15.73 -15.64 8.61
C LYS B 58 14.26 -15.44 8.24
N TRP B 59 13.42 -16.45 8.45
CA TRP B 59 11.96 -16.34 8.16
C TRP B 59 11.22 -15.87 9.41
N TYR B 60 10.15 -15.11 9.24
CA TYR B 60 9.47 -14.52 10.41
C TYR B 60 7.95 -14.55 10.29
N ASN B 61 7.23 -14.59 11.41
CA ASN B 61 5.78 -14.55 11.44
C ASN B 61 5.31 -13.61 12.54
N ASP B 62 4.44 -12.67 12.20
CA ASP B 62 3.61 -11.97 13.16
C ASP B 62 2.16 -12.37 12.93
N TYR B 63 1.41 -12.54 14.01
CA TYR B 63 -0.01 -12.85 13.93
C TYR B 63 -0.80 -11.86 14.77
N ALA B 64 -2.10 -11.75 14.47
CA ALA B 64 -2.98 -10.91 15.26
C ALA B 64 -3.59 -11.72 16.40
N VAL B 65 -3.79 -11.05 17.54
CA VAL B 65 -4.11 -11.75 18.80
C VAL B 65 -5.43 -12.50 18.69
N SER B 66 -6.40 -11.98 17.94
CA SER B 66 -7.66 -12.69 17.81
C SER B 66 -7.55 -14.01 17.05
N VAL B 67 -6.39 -14.34 16.47
CA VAL B 67 -6.28 -15.59 15.74
C VAL B 67 -4.97 -16.30 16.10
N LYS B 68 -4.15 -15.63 16.93
CA LYS B 68 -2.82 -16.12 17.29
C LYS B 68 -2.81 -17.62 17.57
N SER B 69 -3.86 -18.15 18.20
CA SER B 69 -3.88 -19.53 18.62
C SER B 69 -4.41 -20.48 17.56
N ARG B 70 -4.95 -19.97 16.46
CA ARG B 70 -5.58 -20.81 15.45
C ARG B 70 -4.92 -20.71 14.09
N ILE B 71 -3.88 -19.90 13.93
CA ILE B 71 -3.44 -19.45 12.61
C ILE B 71 -2.03 -19.94 12.31
N THR B 72 -1.77 -20.11 11.02
CA THR B 72 -0.45 -20.41 10.52
C THR B 72 -0.31 -19.83 9.12
N ILE B 73 0.74 -19.06 8.89
CA ILE B 73 1.11 -18.61 7.55
C ILE B 73 2.45 -19.27 7.18
N ASN B 74 2.51 -19.81 5.96
CA ASN B 74 3.55 -20.75 5.53
C ASN B 74 4.13 -20.29 4.20
N PRO B 75 5.33 -19.70 4.15
CA PRO B 75 5.89 -19.36 2.84
C PRO B 75 6.40 -20.59 2.12
N ASP B 76 6.41 -20.53 0.79
CA ASP B 76 6.91 -21.62 -0.05
C ASP B 76 7.84 -21.07 -1.13
N THR B 77 9.14 -20.96 -0.78
CA THR B 77 10.16 -20.61 -1.76
C THR B 77 10.15 -21.53 -2.98
N SER B 78 9.76 -22.79 -2.81
CA SER B 78 9.76 -23.72 -3.92
C SER B 78 8.80 -23.28 -5.00
N LYS B 79 7.56 -23.01 -4.61
CA LYS B 79 6.50 -22.67 -5.54
C LYS B 79 6.36 -21.17 -5.75
N ASN B 80 7.02 -20.34 -4.91
CA ASN B 80 6.83 -18.88 -4.88
C ASN B 80 5.40 -18.52 -4.45
N GLN B 81 4.96 -19.12 -3.35
CA GLN B 81 3.66 -18.86 -2.76
C GLN B 81 3.81 -18.76 -1.25
N PHE B 82 2.76 -18.27 -0.59
CA PHE B 82 2.59 -18.44 0.85
C PHE B 82 1.14 -18.83 1.12
N SER B 83 0.93 -19.52 2.24
CA SER B 83 -0.39 -20.07 2.54
C SER B 83 -0.92 -19.62 3.89
N LEU B 84 -2.23 -19.70 4.02
CA LEU B 84 -2.92 -19.36 5.25
C LEU B 84 -3.65 -20.59 5.73
N GLN B 85 -3.57 -20.82 7.04
CA GLN B 85 -4.33 -21.88 7.70
C GLN B 85 -4.94 -21.32 8.97
N LEU B 86 -6.22 -21.62 9.15
CA LEU B 86 -7.00 -21.14 10.29
C LEU B 86 -7.74 -22.35 10.82
N ASN B 87 -7.46 -22.72 12.07
CA ASN B 87 -8.02 -23.95 12.62
C ASN B 87 -9.41 -23.68 13.19
N SER B 88 -10.21 -24.74 13.24
CA SER B 88 -11.38 -24.76 14.10
C SER B 88 -12.37 -23.68 13.71
N VAL B 89 -12.69 -23.59 12.41
CA VAL B 89 -13.48 -22.47 11.93
C VAL B 89 -14.92 -22.60 12.43
N THR B 90 -15.58 -21.45 12.61
CA THR B 90 -16.97 -21.28 12.89
C THR B 90 -17.54 -20.27 11.90
N PRO B 91 -18.87 -20.12 11.82
CA PRO B 91 -19.45 -19.06 10.97
C PRO B 91 -18.80 -17.71 11.11
N GLU B 92 -18.22 -17.38 12.27
CA GLU B 92 -17.51 -16.12 12.43
C GLU B 92 -16.36 -15.97 11.44
N ASP B 93 -15.85 -17.06 10.87
CA ASP B 93 -14.76 -16.99 9.91
C ASP B 93 -15.23 -16.82 8.48
N THR B 94 -16.53 -16.89 8.22
CA THR B 94 -17.05 -16.53 6.91
C THR B 94 -16.63 -15.10 6.60
N ALA B 95 -15.97 -14.92 5.47
CA ALA B 95 -15.37 -13.64 5.10
C ALA B 95 -14.82 -13.77 3.70
N VAL B 96 -14.51 -12.64 3.08
CA VAL B 96 -13.61 -12.60 1.93
C VAL B 96 -12.19 -12.46 2.47
N TYR B 97 -11.30 -13.38 2.09
CA TYR B 97 -9.91 -13.34 2.52
C TYR B 97 -9.03 -12.77 1.42
N TYR B 98 -8.12 -11.87 1.79
CA TYR B 98 -7.19 -11.22 0.87
C TYR B 98 -5.76 -11.53 1.27
N CYS B 99 -4.91 -11.76 0.27
CA CYS B 99 -3.46 -11.70 0.47
C CYS B 99 -2.95 -10.38 -0.10
N ALA B 100 -2.07 -9.74 0.65
CA ALA B 100 -1.57 -8.42 0.30
C ALA B 100 -0.06 -8.39 0.53
N ARG B 101 0.63 -7.62 -0.28
CA ARG B 101 2.05 -7.36 -0.06
C ARG B 101 2.25 -6.04 0.66
N GLU B 102 2.93 -6.10 1.80
CA GLU B 102 3.41 -4.95 2.54
C GLU B 102 4.79 -4.59 1.99
N GLU B 103 4.95 -3.37 1.52
CA GLU B 103 6.17 -3.01 0.81
C GLU B 103 6.82 -1.79 1.47
N GLN B 104 8.13 -1.89 1.70
CA GLN B 104 8.92 -0.79 2.21
C GLN B 104 9.86 -0.32 1.10
N GLN B 105 10.18 0.97 1.12
CA GLN B 105 11.11 1.55 0.15
C GLN B 105 12.51 1.59 0.76
N LEU B 106 13.45 0.89 0.14
CA LEU B 106 14.80 0.74 0.66
C LEU B 106 15.82 1.62 -0.08
N VAL B 107 15.35 2.50 -0.97
CA VAL B 107 16.21 3.35 -1.79
C VAL B 107 16.00 4.81 -1.42
N HIS B 108 17.09 5.59 -1.41
CA HIS B 108 17.10 6.95 -0.89
C HIS B 108 16.43 7.02 0.46
N ASP B 109 15.31 7.74 0.52
CA ASP B 109 14.53 7.79 1.74
C ASP B 109 13.65 6.54 1.87
N TYR B 110 13.63 5.98 3.06
CA TYR B 110 12.77 4.83 3.34
C TYR B 110 11.30 5.26 3.34
N TYR B 111 10.50 4.58 2.54
CA TYR B 111 9.06 4.76 2.55
C TYR B 111 8.41 3.46 3.01
N TYR B 112 7.31 3.59 3.76
CA TYR B 112 6.47 2.41 4.15
C TYR B 112 5.12 2.58 3.48
N TYR B 113 4.93 1.94 2.35
CA TYR B 113 3.68 2.13 1.56
C TYR B 113 2.49 1.44 2.21
N GLY B 114 2.71 0.28 2.81
CA GLY B 114 1.57 -0.48 3.34
C GLY B 114 1.16 -1.53 2.35
N MET B 115 -0.13 -1.82 2.27
CA MET B 115 -0.61 -2.90 1.38
C MET B 115 -0.74 -2.33 -0.04
N ASP B 116 0.35 -2.36 -0.81
CA ASP B 116 0.38 -1.73 -2.15
C ASP B 116 -0.21 -2.65 -3.21
N VAL B 117 -0.20 -3.94 -2.98
CA VAL B 117 -0.72 -4.90 -3.96
C VAL B 117 -1.60 -5.91 -3.23
N TRP B 118 -2.78 -6.18 -3.78
CA TRP B 118 -3.78 -7.04 -3.16
C TRP B 118 -4.18 -8.15 -4.13
N GLY B 119 -4.37 -9.36 -3.62
CA GLY B 119 -5.00 -10.38 -4.42
C GLY B 119 -6.47 -10.05 -4.66
N GLN B 120 -7.10 -10.79 -5.59
CA GLN B 120 -8.48 -10.45 -5.90
C GLN B 120 -9.44 -10.86 -4.78
N GLY B 121 -8.99 -11.65 -3.80
CA GLY B 121 -9.85 -12.13 -2.73
C GLY B 121 -10.59 -13.41 -3.02
N THR B 122 -10.67 -14.33 -2.06
CA THR B 122 -11.51 -15.52 -2.18
C THR B 122 -12.52 -15.57 -1.05
N MET B 123 -13.79 -15.74 -1.41
CA MET B 123 -14.85 -15.82 -0.41
C MET B 123 -14.85 -17.21 0.18
N VAL B 124 -14.75 -17.30 1.51
CA VAL B 124 -14.92 -18.56 2.23
C VAL B 124 -16.20 -18.43 3.04
N THR B 125 -17.11 -19.39 2.89
CA THR B 125 -18.25 -19.44 3.79
C THR B 125 -18.12 -20.71 4.61
N VAL B 126 -18.16 -20.53 5.95
CA VAL B 126 -18.12 -21.61 6.93
C VAL B 126 -19.54 -22.01 7.27
N SER B 127 -19.95 -23.19 6.86
CA SER B 127 -21.34 -23.58 7.02
C SER B 127 -21.38 -25.09 7.08
N SER B 128 -22.39 -25.62 7.79
CA SER B 128 -22.59 -27.06 7.91
C SER B 128 -23.45 -27.62 6.80
N ALA B 129 -24.04 -26.76 5.97
CA ALA B 129 -24.76 -27.23 4.80
C ALA B 129 -23.77 -27.58 3.70
N SER B 130 -24.22 -28.36 2.72
CA SER B 130 -23.30 -28.82 1.69
C SER B 130 -23.42 -27.97 0.42
N THR B 131 -22.30 -27.84 -0.28
CA THR B 131 -22.26 -27.19 -1.58
C THR B 131 -23.31 -27.79 -2.50
N LYS B 132 -23.93 -26.95 -3.32
CA LYS B 132 -24.87 -27.38 -4.34
C LYS B 132 -24.67 -26.50 -5.57
N GLY B 133 -24.50 -27.11 -6.73
CA GLY B 133 -24.42 -26.38 -7.97
C GLY B 133 -25.74 -25.77 -8.40
N PRO B 134 -25.69 -24.79 -9.29
CA PRO B 134 -26.92 -24.12 -9.72
C PRO B 134 -27.70 -24.92 -10.76
N SER B 135 -28.99 -24.68 -10.80
CA SER B 135 -29.77 -25.01 -11.98
C SER B 135 -30.02 -23.72 -12.78
N VAL B 136 -29.72 -23.75 -14.07
CA VAL B 136 -29.76 -22.55 -14.91
C VAL B 136 -30.96 -22.66 -15.84
N PHE B 137 -31.84 -21.66 -15.79
CA PHE B 137 -32.99 -21.68 -16.68
C PHE B 137 -32.96 -20.46 -17.60
N PRO B 138 -33.40 -20.62 -18.85
CA PRO B 138 -33.34 -19.48 -19.77
C PRO B 138 -34.50 -18.53 -19.49
N LEU B 139 -34.19 -17.24 -19.43
CA LEU B 139 -35.24 -16.21 -19.41
C LEU B 139 -35.35 -15.70 -20.84
N ALA B 140 -36.26 -16.29 -21.60
CA ALA B 140 -36.35 -16.03 -23.06
C ALA B 140 -36.76 -14.64 -23.45
N PRO B 141 -36.15 -14.10 -24.53
CA PRO B 141 -36.55 -12.82 -25.06
C PRO B 141 -37.91 -13.03 -25.72
N SER B 142 -38.74 -12.01 -25.73
CA SER B 142 -40.09 -12.09 -26.31
C SER B 142 -40.48 -10.71 -26.79
N SER B 143 -41.42 -10.62 -27.73
CA SER B 143 -41.85 -9.27 -28.14
C SER B 143 -42.44 -8.59 -26.92
N LYS B 144 -42.61 -9.34 -25.83
CA LYS B 144 -43.11 -8.73 -24.57
C LYS B 144 -41.92 -8.34 -23.69
N SER B 145 -40.69 -8.54 -24.16
CA SER B 145 -39.51 -8.05 -23.37
C SER B 145 -38.85 -6.88 -24.13
N THR B 146 -39.41 -6.50 -25.27
CA THR B 146 -38.82 -5.41 -26.11
C THR B 146 -39.46 -4.05 -25.82
N SER B 147 -38.63 -3.02 -25.75
CA SER B 147 -39.14 -1.65 -25.57
C SER B 147 -38.49 -0.76 -26.61
N GLY B 148 -39.04 -0.71 -27.80
CA GLY B 148 -38.47 0.13 -28.86
C GLY B 148 -37.33 -0.54 -29.60
N GLY B 149 -37.38 -1.85 -29.78
CA GLY B 149 -36.36 -2.56 -30.57
C GLY B 149 -35.25 -3.11 -29.73
N THR B 150 -35.38 -3.02 -28.42
CA THR B 150 -34.38 -3.61 -27.51
C THR B 150 -34.98 -4.87 -26.91
N ALA B 151 -34.21 -5.93 -26.83
CA ALA B 151 -34.72 -7.16 -26.19
C ALA B 151 -33.95 -7.45 -24.91
N ALA B 152 -34.67 -7.84 -23.87
CA ALA B 152 -34.01 -8.26 -22.64
C ALA B 152 -34.05 -9.80 -22.56
N LEU B 153 -32.87 -10.41 -22.39
CA LEU B 153 -32.79 -11.86 -22.27
C LEU B 153 -31.90 -12.24 -21.09
N GLY B 154 -32.17 -13.40 -20.48
CA GLY B 154 -31.42 -13.69 -19.27
C GLY B 154 -31.26 -15.16 -18.91
N CYS B 155 -30.44 -15.38 -17.87
CA CYS B 155 -30.31 -16.66 -17.18
C CYS B 155 -30.71 -16.56 -15.72
N LEU B 156 -31.60 -17.44 -15.31
CA LEU B 156 -31.98 -17.63 -13.91
C LEU B 156 -31.07 -18.68 -13.30
N VAL B 157 -30.16 -18.26 -12.43
CA VAL B 157 -29.22 -19.14 -11.75
C VAL B 157 -29.86 -19.49 -10.41
N LYS B 158 -30.54 -20.64 -10.36
CA LYS B 158 -31.42 -20.99 -9.27
C LYS B 158 -30.81 -22.06 -8.35
N ASP B 159 -30.94 -21.84 -7.03
CA ASP B 159 -30.75 -22.87 -5.99
C ASP B 159 -29.31 -23.37 -5.90
N TYR B 160 -28.39 -22.45 -5.60
CA TYR B 160 -27.00 -22.84 -5.45
C TYR B 160 -26.46 -22.44 -4.08
N PHE B 161 -25.39 -23.12 -3.66
CA PHE B 161 -24.73 -22.80 -2.40
C PHE B 161 -23.32 -23.38 -2.36
N PRO B 162 -22.35 -22.67 -1.77
CA PRO B 162 -22.40 -21.32 -1.24
C PRO B 162 -22.24 -20.31 -2.37
N GLU B 163 -21.91 -19.12 -2.02
CA GLU B 163 -21.49 -18.13 -2.99
C GLU B 163 -20.00 -18.25 -3.20
N PRO B 164 -19.45 -17.71 -4.31
CA PRO B 164 -20.19 -16.97 -5.35
C PRO B 164 -20.43 -17.74 -6.62
N VAL B 165 -21.23 -17.10 -7.46
CA VAL B 165 -21.39 -17.40 -8.88
C VAL B 165 -20.82 -16.25 -9.69
N THR B 166 -20.13 -16.57 -10.77
CA THR B 166 -19.81 -15.57 -11.79
C THR B 166 -20.49 -15.94 -13.10
N VAL B 167 -21.04 -14.92 -13.78
CA VAL B 167 -21.78 -15.08 -15.01
C VAL B 167 -21.06 -14.29 -16.10
N SER B 168 -20.79 -14.92 -17.22
CA SER B 168 -20.35 -14.18 -18.38
C SER B 168 -21.34 -14.47 -19.51
N TRP B 169 -21.19 -13.74 -20.60
CA TRP B 169 -22.01 -13.97 -21.78
C TRP B 169 -21.12 -14.23 -22.99
N ASN B 170 -21.49 -15.23 -23.77
CA ASN B 170 -20.76 -15.55 -25.01
C ASN B 170 -19.25 -15.65 -24.75
N SER B 171 -18.92 -16.34 -23.65
CA SER B 171 -17.54 -16.56 -23.19
C SER B 171 -16.78 -15.25 -22.99
N GLY B 172 -17.49 -14.20 -22.57
CA GLY B 172 -16.86 -12.94 -22.30
C GLY B 172 -16.73 -12.02 -23.48
N ALA B 173 -17.32 -12.38 -24.64
CA ALA B 173 -17.31 -11.51 -25.81
C ALA B 173 -18.39 -10.43 -25.71
N LEU B 174 -19.56 -10.80 -25.16
CA LEU B 174 -20.67 -9.87 -24.99
C LEU B 174 -20.57 -9.26 -23.60
N THR B 175 -20.17 -8.00 -23.53
CA THR B 175 -20.10 -7.29 -22.26
C THR B 175 -20.94 -6.03 -22.18
N SER B 176 -21.30 -5.43 -23.30
CA SER B 176 -22.10 -4.22 -23.19
C SER B 176 -23.57 -4.57 -22.97
N GLY B 177 -24.22 -3.80 -22.10
CA GLY B 177 -25.61 -4.05 -21.78
C GLY B 177 -25.86 -5.26 -20.90
N VAL B 178 -24.81 -5.81 -20.26
CA VAL B 178 -24.94 -6.96 -19.36
C VAL B 178 -25.21 -6.47 -17.94
N HIS B 179 -26.22 -7.05 -17.31
CA HIS B 179 -26.54 -6.66 -15.93
C HIS B 179 -26.70 -7.95 -15.12
N THR B 180 -25.82 -8.20 -14.17
CA THR B 180 -25.98 -9.33 -13.28
C THR B 180 -26.37 -8.84 -11.88
N PHE B 181 -27.50 -9.31 -11.39
CA PHE B 181 -28.18 -8.90 -10.17
C PHE B 181 -27.70 -9.71 -8.98
N PRO B 182 -27.35 -9.08 -7.88
CA PRO B 182 -26.91 -9.85 -6.71
C PRO B 182 -27.98 -10.84 -6.26
N ALA B 183 -27.53 -11.84 -5.50
CA ALA B 183 -28.35 -13.01 -5.28
C ALA B 183 -29.35 -12.79 -4.15
N VAL B 184 -30.47 -13.50 -4.21
CA VAL B 184 -31.43 -13.56 -3.13
C VAL B 184 -31.15 -14.82 -2.33
N LEU B 185 -31.22 -14.71 -1.01
CA LEU B 185 -31.12 -15.86 -0.11
C LEU B 185 -32.53 -16.40 0.12
N GLN B 186 -32.82 -17.57 -0.45
CA GLN B 186 -34.15 -18.15 -0.27
C GLN B 186 -34.34 -18.62 1.17
N SER B 187 -35.62 -18.86 1.53
CA SER B 187 -35.94 -19.33 2.88
C SER B 187 -35.45 -20.75 3.10
N SER B 188 -35.14 -21.48 2.02
CA SER B 188 -34.43 -22.75 2.09
C SER B 188 -32.96 -22.57 2.40
N GLY B 189 -32.47 -21.33 2.45
CA GLY B 189 -31.05 -21.12 2.62
C GLY B 189 -30.21 -21.47 1.41
N LEU B 190 -30.83 -21.52 0.24
CA LEU B 190 -30.13 -21.60 -1.03
C LEU B 190 -30.19 -20.25 -1.72
N TYR B 191 -29.26 -20.02 -2.64
CA TYR B 191 -29.21 -18.76 -3.36
C TYR B 191 -29.81 -18.86 -4.74
N SER B 192 -30.31 -17.73 -5.23
CA SER B 192 -30.69 -17.57 -6.62
C SER B 192 -30.34 -16.16 -7.08
N LEU B 193 -30.18 -16.05 -8.39
CA LEU B 193 -29.55 -14.92 -9.03
C LEU B 193 -30.08 -14.82 -10.46
N SER B 194 -30.12 -13.61 -10.99
CA SER B 194 -30.54 -13.44 -12.38
C SER B 194 -29.56 -12.51 -13.05
N SER B 195 -29.37 -12.73 -14.34
CA SER B 195 -28.43 -12.00 -15.17
C SER B 195 -29.13 -11.72 -16.50
N VAL B 196 -29.05 -10.49 -16.98
CA VAL B 196 -29.71 -10.10 -18.22
C VAL B 196 -28.75 -9.29 -19.09
N VAL B 197 -28.88 -9.48 -20.39
CA VAL B 197 -28.27 -8.60 -21.38
C VAL B 197 -29.38 -7.93 -22.16
N THR B 198 -29.24 -6.63 -22.40
CA THR B 198 -30.09 -5.93 -23.35
C THR B 198 -29.42 -5.97 -24.71
N VAL B 199 -30.18 -6.37 -25.73
CA VAL B 199 -29.61 -6.55 -27.06
C VAL B 199 -30.59 -6.00 -28.10
N PRO B 200 -30.07 -5.64 -29.28
CA PRO B 200 -30.97 -5.27 -30.39
C PRO B 200 -31.87 -6.44 -30.74
N SER B 201 -33.17 -6.19 -30.78
CA SER B 201 -34.03 -7.32 -31.08
C SER B 201 -33.80 -7.82 -32.51
N SER B 202 -33.29 -6.95 -33.39
CA SER B 202 -32.92 -7.30 -34.76
C SER B 202 -31.78 -8.31 -34.84
N SER B 203 -31.06 -8.55 -33.75
CA SER B 203 -29.98 -9.53 -33.70
C SER B 203 -30.40 -10.87 -33.12
N LEU B 204 -31.69 -11.04 -32.81
CA LEU B 204 -32.13 -12.29 -32.20
C LEU B 204 -32.09 -13.43 -33.18
N GLY B 205 -32.26 -13.14 -34.47
CA GLY B 205 -32.20 -14.18 -35.47
C GLY B 205 -30.83 -14.47 -36.04
N THR B 206 -29.81 -13.69 -35.67
CA THR B 206 -28.47 -13.86 -36.22
C THR B 206 -27.37 -14.08 -35.19
N GLN B 207 -27.61 -13.77 -33.92
CA GLN B 207 -26.61 -13.88 -32.86
C GLN B 207 -27.07 -14.93 -31.86
N THR B 208 -26.23 -15.91 -31.60
CA THR B 208 -26.52 -16.81 -30.49
C THR B 208 -26.09 -16.15 -29.19
N TYR B 209 -26.90 -16.35 -28.15
CA TYR B 209 -26.62 -15.80 -26.84
C TYR B 209 -26.47 -16.94 -25.85
N ILE B 210 -25.36 -16.97 -25.14
CA ILE B 210 -25.10 -18.01 -24.14
C ILE B 210 -24.58 -17.36 -22.87
N CYS B 211 -25.19 -17.69 -21.75
CA CYS B 211 -24.66 -17.28 -20.45
C CYS B 211 -23.79 -18.41 -19.92
N ASN B 212 -22.63 -18.05 -19.41
CA ASN B 212 -21.69 -19.00 -18.87
C ASN B 212 -21.68 -18.81 -17.37
N VAL B 213 -22.27 -19.76 -16.64
CA VAL B 213 -22.38 -19.69 -15.19
C VAL B 213 -21.28 -20.55 -14.62
N ASN B 214 -20.35 -19.95 -13.88
CA ASN B 214 -19.29 -20.70 -13.22
C ASN B 214 -19.57 -20.71 -11.71
N HIS B 215 -19.64 -21.91 -11.13
CA HIS B 215 -19.79 -22.10 -9.69
C HIS B 215 -18.58 -22.92 -9.20
N LYS B 216 -17.45 -22.24 -9.03
CA LYS B 216 -16.24 -22.86 -8.50
C LYS B 216 -16.48 -23.70 -7.27
N PRO B 217 -17.24 -23.25 -6.26
CA PRO B 217 -17.47 -24.09 -5.07
C PRO B 217 -17.91 -25.52 -5.37
N SER B 218 -18.56 -25.77 -6.50
CA SER B 218 -19.03 -27.12 -6.80
C SER B 218 -18.37 -27.68 -8.06
N ASN B 219 -17.29 -27.06 -8.52
CA ASN B 219 -16.60 -27.42 -9.76
C ASN B 219 -17.59 -27.72 -10.87
N THR B 220 -18.52 -26.78 -11.03
CA THR B 220 -19.56 -26.87 -12.03
C THR B 220 -19.53 -25.59 -12.84
N LYS B 221 -19.70 -25.75 -14.14
CA LYS B 221 -19.82 -24.64 -15.07
C LYS B 221 -20.98 -25.01 -15.97
N VAL B 222 -21.91 -24.08 -16.15
CA VAL B 222 -23.05 -24.31 -17.04
C VAL B 222 -23.08 -23.21 -18.08
N ASP B 223 -23.19 -23.62 -19.35
CA ASP B 223 -23.42 -22.75 -20.49
C ASP B 223 -24.84 -23.01 -20.98
N LYS B 224 -25.69 -22.00 -20.94
CA LYS B 224 -27.09 -22.18 -21.33
C LYS B 224 -27.39 -21.29 -22.52
N ARG B 225 -27.91 -21.86 -23.59
CA ARG B 225 -28.25 -21.10 -24.80
C ARG B 225 -29.64 -20.51 -24.60
N VAL B 226 -29.77 -19.20 -24.76
CA VAL B 226 -31.08 -18.54 -24.53
C VAL B 226 -31.65 -18.18 -25.89
N GLU B 227 -32.70 -18.87 -26.27
CA GLU B 227 -33.33 -18.64 -27.58
C GLU B 227 -34.66 -17.95 -27.36
N PRO B 228 -35.13 -17.17 -28.34
CA PRO B 228 -36.40 -16.51 -28.22
C PRO B 228 -37.58 -17.45 -28.50
N LYS B 229 -38.78 -17.03 -28.12
CA LYS B 229 -39.96 -17.84 -28.52
C LYS B 229 -41.12 -16.88 -28.83
N THR C 5 69.94 19.75 -1.53
CA THR C 5 68.51 19.47 -1.23
C THR C 5 67.64 20.55 -1.87
N ASN C 6 66.32 20.37 -1.93
CA ASN C 6 65.40 21.34 -2.60
C ASN C 6 64.29 21.74 -1.62
N LEU C 7 63.42 22.70 -1.97
CA LEU C 7 62.40 23.07 -0.97
C LEU C 7 61.19 22.07 -0.85
N CYS C 8 60.51 22.08 0.32
CA CYS C 8 59.37 21.22 0.61
C CYS C 8 58.07 21.83 0.11
N PRO C 9 57.23 21.02 -0.56
CA PRO C 9 56.00 21.55 -1.16
C PRO C 9 54.85 21.86 -0.21
N PHE C 10 54.99 22.92 0.58
CA PHE C 10 53.91 23.33 1.48
C PHE C 10 52.73 23.96 0.72
N GLY C 11 53.00 24.57 -0.44
CA GLY C 11 51.95 25.17 -1.25
C GLY C 11 51.02 24.09 -1.78
N GLU C 12 51.58 22.93 -2.18
CA GLU C 12 50.77 21.80 -2.67
C GLU C 12 49.70 21.38 -1.65
N VAL C 13 49.98 21.57 -0.36
CA VAL C 13 49.08 21.23 0.73
C VAL C 13 48.14 22.37 1.12
N PHE C 14 48.71 23.51 1.53
CA PHE C 14 48.00 24.69 2.02
C PHE C 14 47.18 25.41 0.95
N ASN C 15 47.72 25.54 -0.25
CA ASN C 15 47.07 26.27 -1.33
C ASN C 15 46.33 25.36 -2.31
N ALA C 16 46.02 24.10 -1.92
CA ALA C 16 45.28 23.16 -2.76
C ALA C 16 43.90 23.73 -3.07
N THR C 17 43.42 23.53 -4.31
CA THR C 17 42.16 24.11 -4.72
C THR C 17 40.96 23.52 -3.93
N ARG C 18 40.88 22.19 -3.79
CA ARG C 18 39.83 21.55 -3.01
C ARG C 18 40.49 20.77 -1.89
N PHE C 19 39.89 20.82 -0.71
CA PHE C 19 40.39 20.08 0.45
C PHE C 19 39.53 18.82 0.63
N ALA C 20 40.01 17.85 1.41
CA ALA C 20 39.25 16.62 1.62
C ALA C 20 38.24 16.71 2.76
N SER C 21 37.20 15.85 2.77
CA SER C 21 36.25 15.76 3.87
C SER C 21 37.04 15.17 5.04
N VAL C 22 36.78 15.61 6.26
CA VAL C 22 37.52 15.13 7.43
C VAL C 22 37.54 13.60 7.57
N TYR C 23 36.45 12.91 7.24
CA TYR C 23 36.42 11.45 7.33
C TYR C 23 37.44 10.78 6.37
N ALA C 24 37.65 11.41 5.22
CA ALA C 24 38.52 10.93 4.17
C ALA C 24 39.77 11.79 4.04
N TRP C 25 40.30 12.23 5.18
CA TRP C 25 41.44 13.12 5.27
C TRP C 25 42.63 12.69 4.45
N ASN C 26 43.29 13.66 3.83
CA ASN C 26 44.47 13.43 3.01
C ASN C 26 45.73 13.57 3.80
N ARG C 27 46.76 12.81 3.43
CA ARG C 27 48.08 12.89 4.04
C ARG C 27 49.11 13.09 2.93
N LYS C 28 50.14 13.89 3.18
CA LYS C 28 51.21 14.16 2.24
C LYS C 28 52.54 13.91 2.93
N ARG C 29 53.37 13.01 2.37
CA ARG C 29 54.68 12.75 2.96
C ARG C 29 55.70 13.73 2.40
N ILE C 30 56.27 14.53 3.29
CA ILE C 30 57.32 15.48 2.96
C ILE C 30 58.64 14.80 3.37
N SER C 31 59.57 14.66 2.42
CA SER C 31 60.87 14.05 2.70
C SER C 31 61.89 14.46 1.67
N ASN C 32 63.17 14.48 2.09
CA ASN C 32 64.31 14.83 1.24
C ASN C 32 64.17 16.23 0.65
N CYS C 33 64.12 17.23 1.55
CA CYS C 33 64.00 18.65 1.23
C CYS C 33 64.32 19.54 2.46
N VAL C 34 64.18 20.86 2.29
CA VAL C 34 64.45 21.90 3.29
C VAL C 34 63.21 22.79 3.37
N ALA C 35 62.79 23.21 4.58
CA ALA C 35 61.59 24.04 4.70
C ALA C 35 61.60 25.06 5.81
N ASP C 36 61.17 26.28 5.51
CA ASP C 36 61.10 27.33 6.51
C ASP C 36 59.75 27.28 7.19
N TYR C 37 59.74 27.28 8.52
CA TYR C 37 58.52 27.24 9.32
C TYR C 37 58.14 28.61 9.94
N SER C 38 58.98 29.63 9.82
CA SER C 38 58.61 30.89 10.52
C SER C 38 57.52 31.67 9.78
N VAL C 39 57.68 31.88 8.47
CA VAL C 39 56.71 32.69 7.68
C VAL C 39 55.29 32.25 7.99
N LEU C 40 55.07 30.95 7.99
CA LEU C 40 53.72 30.44 8.26
C LEU C 40 53.29 31.04 9.60
N TYR C 41 54.12 30.90 10.64
CA TYR C 41 53.66 31.38 11.97
C TYR C 41 53.31 32.86 11.89
N ASN C 42 54.02 33.63 11.06
CA ASN C 42 53.59 35.01 10.95
C ASN C 42 52.94 35.22 9.58
N SER C 43 52.05 34.29 9.19
CA SER C 43 51.37 34.35 7.90
C SER C 43 50.28 35.42 7.84
N ALA C 44 49.78 35.89 9.01
CA ALA C 44 48.67 36.84 9.09
C ALA C 44 47.35 36.30 8.50
N SER C 45 47.28 34.98 8.28
CA SER C 45 46.12 34.31 7.70
C SER C 45 45.66 33.12 8.52
N PHE C 46 46.39 32.69 9.59
CA PHE C 46 45.95 31.51 10.32
C PHE C 46 45.22 31.79 11.62
N SER C 47 43.92 31.56 11.62
CA SER C 47 43.04 31.70 12.78
C SER C 47 43.53 30.86 13.99
N THR C 48 44.17 29.72 13.69
CA THR C 48 44.68 28.78 14.67
C THR C 48 46.07 28.32 14.24
N PHE C 49 47.01 28.26 15.18
CA PHE C 49 48.37 27.75 14.87
C PHE C 49 48.96 27.09 16.12
N LYS C 50 48.37 25.98 16.55
CA LYS C 50 48.82 25.33 17.81
C LYS C 50 49.93 24.32 17.50
N CYS C 51 50.89 24.19 18.40
CA CYS C 51 52.00 23.22 18.22
C CYS C 51 52.09 22.37 19.49
N TYR C 52 52.43 21.10 19.36
CA TYR C 52 52.39 20.22 20.55
C TYR C 52 53.69 19.43 20.64
N GLY C 53 54.38 19.56 21.77
CA GLY C 53 55.64 18.84 21.97
C GLY C 53 56.75 19.49 21.19
N VAL C 54 56.66 20.81 20.99
CA VAL C 54 57.67 21.49 20.15
C VAL C 54 57.42 22.98 20.25
N SER C 55 58.38 23.79 19.79
CA SER C 55 58.25 25.26 19.99
C SER C 55 57.64 25.92 18.76
N PRO C 56 56.70 26.87 18.92
CA PRO C 56 56.16 27.60 17.79
C PRO C 56 57.21 28.59 17.30
N THR C 57 58.28 28.77 18.08
CA THR C 57 59.35 29.73 17.71
C THR C 57 60.63 28.95 17.35
N LYS C 58 61.36 29.44 16.35
CA LYS C 58 62.65 28.82 15.96
C LYS C 58 62.45 27.32 15.73
N LEU C 59 61.23 26.91 15.42
CA LEU C 59 61.02 25.48 15.07
C LEU C 59 61.91 25.15 13.86
N ASN C 60 62.15 26.14 13.01
CA ASN C 60 62.94 25.92 11.76
C ASN C 60 64.32 25.38 12.10
N ASP C 61 64.78 25.61 13.32
CA ASP C 61 66.07 25.03 13.74
C ASP C 61 65.83 23.61 14.23
N LEU C 62 65.71 22.63 13.32
CA LEU C 62 65.38 21.25 13.75
C LEU C 62 65.69 20.24 12.64
N CYS C 63 65.00 19.10 12.63
CA CYS C 63 65.19 18.10 11.53
C CYS C 63 64.26 16.90 11.78
N PHE C 64 63.91 16.14 10.73
CA PHE C 64 62.97 15.00 10.88
C PHE C 64 63.18 13.99 9.74
N THR C 65 63.09 12.69 10.06
CA THR C 65 63.17 11.66 9.03
C THR C 65 62.08 11.96 8.00
N ASN C 66 60.83 12.20 8.46
CA ASN C 66 59.69 12.49 7.58
C ASN C 66 58.73 13.48 8.24
N VAL C 67 58.05 14.30 7.44
CA VAL C 67 57.03 15.24 7.92
C VAL C 67 55.73 14.87 7.22
N TYR C 68 54.60 14.83 7.95
CA TYR C 68 53.31 14.47 7.35
C TYR C 68 52.34 15.63 7.46
N ALA C 69 51.74 16.02 6.34
CA ALA C 69 50.78 17.12 6.35
C ALA C 69 49.41 16.51 6.10
N ASP C 70 48.50 16.64 7.06
CA ASP C 70 47.18 16.04 6.95
C ASP C 70 46.18 17.13 6.76
N SER C 71 45.54 17.20 5.58
CA SER C 71 44.56 18.24 5.35
C SER C 71 43.16 17.71 5.22
N PHE C 72 42.20 18.55 5.65
CA PHE C 72 40.77 18.28 5.63
C PHE C 72 40.00 19.57 5.99
N VAL C 73 38.64 19.54 5.91
CA VAL C 73 37.79 20.67 6.30
C VAL C 73 36.79 20.20 7.36
N ILE C 74 36.61 21.04 8.40
CA ILE C 74 35.68 20.90 9.52
C ILE C 74 35.07 22.30 9.88
N ARG C 75 34.16 22.38 10.86
CA ARG C 75 33.60 23.65 11.31
C ARG C 75 34.65 24.35 12.19
N GLY C 76 34.43 25.64 12.50
CA GLY C 76 35.30 26.35 13.42
C GLY C 76 35.21 25.76 14.81
N ASP C 77 33.99 25.37 15.23
CA ASP C 77 33.64 24.73 16.51
C ASP C 77 34.40 23.47 16.78
N GLU C 78 34.73 22.74 15.70
CA GLU C 78 35.40 21.48 15.83
C GLU C 78 36.93 21.60 15.80
N VAL C 79 37.50 22.79 15.48
CA VAL C 79 38.96 22.93 15.44
C VAL C 79 39.60 22.61 16.78
N ARG C 80 38.90 22.92 17.88
CA ARG C 80 39.37 22.59 19.23
C ARG C 80 39.54 21.07 19.45
N GLN C 81 38.93 20.24 18.60
CA GLN C 81 39.09 18.79 18.68
C GLN C 81 40.35 18.28 18.01
N ILE C 82 41.04 19.12 17.22
CA ILE C 82 42.28 18.72 16.59
C ILE C 82 43.41 19.09 17.55
N ALA C 83 43.50 18.28 18.61
CA ALA C 83 44.41 18.35 19.75
C ALA C 83 44.40 16.99 20.46
N PRO C 84 45.51 16.64 21.13
CA PRO C 84 45.55 15.35 21.85
C PRO C 84 44.60 15.34 23.03
N GLY C 85 44.07 14.17 23.33
CA GLY C 85 43.16 14.00 24.45
C GLY C 85 41.85 14.75 24.36
N GLN C 86 41.32 14.91 23.11
CA GLN C 86 40.05 15.61 22.90
C GLN C 86 38.91 14.63 22.58
N THR C 87 37.66 15.06 22.80
CA THR C 87 36.48 14.26 22.50
C THR C 87 35.47 15.10 21.74
N GLY C 88 34.66 14.42 20.93
CA GLY C 88 33.65 15.02 20.06
C GLY C 88 33.54 14.20 18.78
N LYS C 89 32.52 14.45 17.93
CA LYS C 89 32.34 13.66 16.70
C LYS C 89 33.59 13.52 15.87
N ILE C 90 34.36 14.60 15.76
CA ILE C 90 35.54 14.57 14.91
C ILE C 90 36.66 13.77 15.56
N ALA C 91 36.94 14.05 16.83
CA ALA C 91 38.01 13.36 17.52
C ALA C 91 37.75 11.86 17.61
N ASP C 92 36.50 11.48 17.83
CA ASP C 92 36.11 10.11 18.02
C ASP C 92 35.93 9.32 16.76
N TYR C 93 35.29 9.91 15.75
CA TYR C 93 34.93 9.17 14.55
C TYR C 93 35.65 9.55 13.27
N ASN C 94 36.37 10.68 13.26
CA ASN C 94 36.96 11.17 12.01
C ASN C 94 38.47 11.28 11.95
N TYR C 95 39.08 12.04 12.86
CA TYR C 95 40.52 12.26 12.89
C TYR C 95 40.93 12.25 14.33
N LYS C 96 41.77 11.28 14.72
CA LYS C 96 42.22 11.13 16.11
C LYS C 96 43.72 11.41 16.29
N LEU C 97 44.06 12.36 17.18
CA LEU C 97 45.47 12.64 17.47
C LEU C 97 45.87 11.90 18.72
N PRO C 98 47.05 11.24 18.71
CA PRO C 98 47.49 10.53 19.92
C PRO C 98 47.82 11.50 21.07
N ASP C 99 47.88 10.99 22.31
CA ASP C 99 48.22 11.82 23.47
C ASP C 99 49.65 12.41 23.35
N ASP C 100 50.57 11.60 22.82
CA ASP C 100 51.99 11.91 22.62
C ASP C 100 52.26 12.62 21.29
N PHE C 101 51.28 13.37 20.78
CA PHE C 101 51.40 14.02 19.48
C PHE C 101 52.54 15.02 19.42
N THR C 102 53.31 14.98 18.33
CA THR C 102 54.43 15.90 18.15
C THR C 102 54.34 16.61 16.82
N GLY C 103 53.75 17.80 16.83
CA GLY C 103 53.59 18.58 15.62
C GLY C 103 52.73 19.80 15.80
N CYS C 104 52.30 20.39 14.69
CA CYS C 104 51.50 21.60 14.73
C CYS C 104 50.19 21.43 14.01
N VAL C 105 49.17 22.13 14.49
CA VAL C 105 47.83 22.15 13.96
C VAL C 105 47.62 23.58 13.47
N ILE C 106 47.37 23.75 12.17
CA ILE C 106 47.19 25.08 11.57
C ILE C 106 45.84 25.11 10.94
N ALA C 107 44.99 26.06 11.34
CA ALA C 107 43.66 26.16 10.76
C ALA C 107 43.34 27.59 10.37
N TRP C 108 42.49 27.74 9.36
CA TRP C 108 42.09 29.05 8.89
C TRP C 108 40.70 29.00 8.24
N ASN C 109 39.98 30.10 8.33
CA ASN C 109 38.63 30.23 7.82
C ASN C 109 38.65 30.25 6.33
N SER C 110 37.85 29.38 5.75
CA SER C 110 37.72 29.25 4.32
C SER C 110 36.25 29.37 3.95
N ASN C 111 35.54 30.33 4.54
CA ASN C 111 34.14 30.58 4.23
C ASN C 111 34.02 31.05 2.79
N ASN C 112 34.93 31.91 2.34
CA ASN C 112 34.91 32.45 1.00
C ASN C 112 35.10 31.34 -0.07
N LEU C 113 35.98 30.36 0.20
CA LEU C 113 36.21 29.29 -0.75
C LEU C 113 35.28 28.11 -0.62
N ASP C 114 35.01 27.67 0.62
CA ASP C 114 34.29 26.43 0.82
C ASP C 114 32.80 26.53 1.09
N SER C 115 32.25 27.65 1.58
CA SER C 115 30.80 27.73 1.78
C SER C 115 30.11 28.33 0.56
N LYS C 116 28.88 27.91 0.32
CA LYS C 116 28.13 28.30 -0.85
C LYS C 116 26.69 28.57 -0.44
N VAL C 117 26.04 29.54 -1.10
CA VAL C 117 24.63 29.84 -0.83
C VAL C 117 23.81 28.64 -1.23
N GLY C 118 23.01 28.14 -0.30
CA GLY C 118 22.24 26.94 -0.53
C GLY C 118 22.93 25.68 -0.02
N GLY C 119 24.19 25.81 0.40
CA GLY C 119 25.00 24.74 0.95
C GLY C 119 26.07 24.14 0.06
N ASN C 120 27.24 23.87 0.63
CA ASN C 120 28.29 23.14 -0.05
C ASN C 120 28.25 21.77 0.63
N TYR C 121 27.73 20.80 -0.08
CA TYR C 121 27.54 19.48 0.44
C TYR C 121 28.64 18.51 0.08
N ASN C 122 29.79 18.97 -0.45
CA ASN C 122 30.92 18.08 -0.72
C ASN C 122 31.63 17.67 0.57
N TYR C 123 31.55 18.50 1.62
CA TYR C 123 32.24 18.29 2.87
C TYR C 123 31.41 17.47 3.82
N LEU C 124 31.93 16.28 4.10
CA LEU C 124 31.27 15.28 4.90
C LEU C 124 32.09 14.91 6.15
N TYR C 125 31.41 14.29 7.10
CA TYR C 125 32.02 13.75 8.29
C TYR C 125 31.25 12.51 8.70
N ARG C 126 31.88 11.60 9.41
CA ARG C 126 31.23 10.38 9.87
C ARG C 126 30.39 10.69 11.09
N LEU C 127 29.08 10.53 10.98
CA LEU C 127 28.16 10.81 12.08
C LEU C 127 27.94 9.57 12.98
N PHE C 128 28.04 8.37 12.40
CA PHE C 128 27.80 7.12 13.11
C PHE C 128 28.97 6.16 13.01
N ARG C 129 29.25 5.43 14.11
CA ARG C 129 30.31 4.45 14.14
C ARG C 129 30.15 3.56 15.37
N LYS C 130 30.54 2.29 15.25
CA LYS C 130 30.42 1.35 16.35
C LYS C 130 31.41 1.61 17.48
N SER C 131 32.56 2.21 17.15
CA SER C 131 33.59 2.46 18.14
C SER C 131 34.40 3.72 17.80
N ASN C 132 35.27 4.15 18.68
CA ASN C 132 36.10 5.33 18.44
C ASN C 132 37.37 4.92 17.68
N LEU C 133 37.86 5.82 16.85
CA LEU C 133 39.06 5.56 16.07
C LEU C 133 40.28 5.51 16.94
N LYS C 134 41.26 4.70 16.56
CA LYS C 134 42.55 4.70 17.22
C LYS C 134 43.32 5.89 16.60
N PRO C 135 44.26 6.53 17.32
CA PRO C 135 44.99 7.68 16.73
C PRO C 135 45.59 7.41 15.35
N PHE C 136 45.31 8.32 14.40
CA PHE C 136 45.74 8.26 13.01
C PHE C 136 45.05 7.18 12.16
N GLU C 137 43.93 6.64 12.64
CA GLU C 137 43.16 5.67 11.81
C GLU C 137 42.34 6.43 10.78
N ARG C 138 41.76 5.72 9.81
CA ARG C 138 40.94 6.36 8.75
C ARG C 138 39.87 5.38 8.30
N ASP C 139 38.60 5.75 8.47
CA ASP C 139 37.47 4.89 8.04
C ASP C 139 36.81 5.52 6.82
N ILE C 140 36.99 4.91 5.65
CA ILE C 140 36.38 5.42 4.40
C ILE C 140 35.18 4.53 4.14
N SER C 141 34.80 3.75 5.15
CA SER C 141 33.69 2.78 5.00
C SER C 141 32.36 3.51 4.85
N THR C 142 31.50 2.98 4.01
CA THR C 142 30.17 3.57 3.81
C THR C 142 29.16 2.47 4.08
N GLU C 143 29.42 1.66 5.09
CA GLU C 143 28.49 0.60 5.46
C GLU C 143 27.32 1.15 6.30
N ILE C 144 26.10 0.68 6.06
CA ILE C 144 24.91 1.09 6.77
C ILE C 144 25.02 0.85 8.26
N TYR C 145 24.79 1.91 9.05
CA TYR C 145 24.84 1.91 10.51
C TYR C 145 23.54 1.41 11.12
N GLN C 146 23.60 0.34 11.90
CA GLN C 146 22.41 -0.19 12.56
C GLN C 146 22.11 0.50 13.88
N ALA C 147 21.18 1.48 13.88
CA ALA C 147 20.80 2.18 15.11
C ALA C 147 19.81 1.38 15.96
N GLY C 148 18.96 0.59 15.33
CA GLY C 148 17.99 -0.23 16.05
C GLY C 148 18.57 -1.54 16.50
N SER C 149 17.78 -2.34 17.23
CA SER C 149 18.25 -3.65 17.67
C SER C 149 18.18 -4.64 16.49
N THR C 150 17.19 -4.51 15.61
CA THR C 150 17.03 -5.37 14.45
C THR C 150 18.10 -5.05 13.37
N PRO C 151 18.62 -6.09 12.68
CA PRO C 151 19.66 -5.87 11.67
C PRO C 151 19.22 -5.22 10.37
N CYS C 152 20.16 -4.55 9.71
CA CYS C 152 19.90 -3.80 8.49
C CYS C 152 19.90 -4.59 7.24
N ASN C 153 20.81 -5.57 7.16
CA ASN C 153 21.00 -6.41 5.97
C ASN C 153 21.50 -5.51 4.80
N GLY C 154 22.39 -4.56 5.12
CA GLY C 154 22.95 -3.63 4.16
C GLY C 154 21.98 -2.69 3.45
N VAL C 155 20.72 -2.66 3.89
CA VAL C 155 19.71 -1.82 3.27
C VAL C 155 19.36 -0.61 4.14
N GLU C 156 19.58 0.59 3.61
CA GLU C 156 19.28 1.84 4.28
C GLU C 156 17.77 1.98 4.52
N GLY C 157 17.38 2.68 5.57
CA GLY C 157 15.98 2.89 5.89
C GLY C 157 15.73 3.36 7.30
N PHE C 158 14.65 2.86 7.88
CA PHE C 158 14.25 3.21 9.24
C PHE C 158 15.19 2.50 10.23
N ASN C 159 15.73 3.25 11.21
CA ASN C 159 16.69 2.70 12.17
C ASN C 159 17.97 2.17 11.54
N CYS C 160 18.22 2.48 10.25
CA CYS C 160 19.36 2.02 9.48
C CYS C 160 19.88 3.15 8.67
N TYR C 161 20.94 3.77 9.12
CA TYR C 161 21.42 5.00 8.51
C TYR C 161 22.71 4.94 7.76
N PHE C 162 22.83 5.79 6.76
CA PHE C 162 24.09 5.96 6.03
C PHE C 162 25.03 6.67 7.00
N PRO C 163 26.25 6.15 7.16
CA PRO C 163 27.14 6.70 8.19
C PRO C 163 27.61 8.14 8.06
N LEU C 164 27.84 8.61 6.85
CA LEU C 164 28.36 9.97 6.63
C LEU C 164 27.27 11.02 6.63
N GLN C 165 27.63 12.22 7.07
CA GLN C 165 26.74 13.37 7.20
C GLN C 165 27.42 14.56 6.52
N SER C 166 26.65 15.32 5.74
CA SER C 166 27.18 16.49 5.07
C SER C 166 27.11 17.72 5.98
N TYR C 167 27.96 18.71 5.72
CA TYR C 167 27.95 19.96 6.48
C TYR C 167 27.03 21.04 5.87
N GLY C 168 26.91 21.08 4.55
CA GLY C 168 26.06 22.07 3.88
C GLY C 168 26.43 23.51 4.17
N PHE C 169 27.72 23.82 4.13
CA PHE C 169 28.28 25.13 4.42
C PHE C 169 27.67 26.28 3.65
N GLN C 170 27.10 27.25 4.38
CA GLN C 170 26.49 28.45 3.83
C GLN C 170 27.21 29.67 4.38
N PRO C 171 27.39 30.73 3.57
CA PRO C 171 28.16 31.89 4.06
C PRO C 171 27.50 32.67 5.17
N THR C 172 26.18 32.59 5.24
CA THR C 172 25.38 33.28 6.25
C THR C 172 25.46 32.63 7.64
N ASN C 173 26.08 31.45 7.76
CA ASN C 173 26.23 30.77 9.05
C ASN C 173 27.13 31.57 9.99
N GLY C 174 27.05 31.27 11.29
CA GLY C 174 27.90 31.91 12.28
C GLY C 174 29.35 31.51 12.10
N VAL C 175 30.31 32.31 12.61
CA VAL C 175 31.73 32.00 12.45
C VAL C 175 32.09 30.60 13.00
N GLY C 176 31.41 30.17 14.04
CA GLY C 176 31.61 28.85 14.62
C GLY C 176 31.21 27.72 13.68
N TYR C 177 30.20 27.97 12.85
CA TYR C 177 29.69 26.99 11.90
C TYR C 177 30.23 27.10 10.51
N GLN C 178 31.26 27.91 10.29
CA GLN C 178 31.82 28.09 8.96
C GLN C 178 32.92 27.06 8.67
N PRO C 179 33.20 26.80 7.39
CA PRO C 179 34.28 25.85 7.08
C PRO C 179 35.63 26.43 7.47
N TYR C 180 36.50 25.58 7.96
CA TYR C 180 37.86 25.90 8.30
C TYR C 180 38.74 24.84 7.69
N ARG C 181 39.75 25.26 6.93
CA ARG C 181 40.72 24.33 6.34
C ARG C 181 41.79 24.10 7.37
N VAL C 182 42.18 22.84 7.58
CA VAL C 182 43.11 22.44 8.64
C VAL C 182 44.27 21.65 8.08
N VAL C 183 45.48 21.97 8.50
CA VAL C 183 46.66 21.24 8.09
C VAL C 183 47.37 20.84 9.35
N VAL C 184 47.54 19.53 9.53
CA VAL C 184 48.17 18.99 10.77
C VAL C 184 49.55 18.45 10.42
N LEU C 185 50.59 19.16 10.81
CA LEU C 185 51.95 18.78 10.56
C LEU C 185 52.43 17.85 11.65
N SER C 186 53.06 16.75 11.24
CA SER C 186 53.55 15.71 12.12
C SER C 186 55.03 15.54 11.87
N PHE C 187 55.83 15.57 12.94
CA PHE C 187 57.26 15.47 12.82
C PHE C 187 57.68 14.11 13.26
N GLU C 188 58.24 13.33 12.34
CA GLU C 188 58.64 11.96 12.60
C GLU C 188 60.16 11.80 12.67
N LEU C 189 60.65 11.23 13.79
CA LEU C 189 62.05 10.97 13.98
C LEU C 189 62.17 9.49 14.18
N LEU C 190 62.82 8.80 13.25
CA LEU C 190 63.01 7.35 13.37
C LEU C 190 64.49 7.03 13.63
N HIS C 191 64.82 5.74 13.87
CA HIS C 191 66.21 5.37 14.08
C HIS C 191 66.90 5.03 12.75
N ALA C 192 66.71 5.91 11.79
CA ALA C 192 67.26 5.86 10.46
C ALA C 192 67.73 7.28 10.10
N PRO C 193 68.57 7.46 9.05
CA PRO C 193 69.01 8.82 8.69
C PRO C 193 67.87 9.81 8.43
N ALA C 194 68.00 11.04 8.92
CA ALA C 194 66.99 12.09 8.75
C ALA C 194 66.95 12.62 7.30
N THR C 195 65.81 13.23 6.89
CA THR C 195 65.69 13.75 5.53
C THR C 195 65.23 15.22 5.44
N VAL C 196 64.47 15.73 6.42
CA VAL C 196 63.94 17.09 6.31
C VAL C 196 64.32 18.00 7.45
N CYS C 197 65.03 19.07 7.09
CA CYS C 197 65.53 20.14 7.95
C CYS C 197 66.10 21.29 7.14
N GLY C 198 65.99 22.49 7.67
CA GLY C 198 66.53 23.67 7.00
C GLY C 198 66.31 24.97 7.75
N PRO C 199 67.39 25.72 8.06
CA PRO C 199 67.20 26.99 8.79
C PRO C 199 67.03 28.14 7.81
#